data_1JNW
#
_entry.id   1JNW
#
_cell.length_a   83.358
_cell.length_b   52.238
_cell.length_c   53.913
_cell.angle_alpha   90.00
_cell.angle_beta   101.45
_cell.angle_gamma   90.00
#
_symmetry.space_group_name_H-M   'C 1 2 1'
#
loop_
_entity.id
_entity.type
_entity.pdbx_description
1 polymer "Pyridoxine 5'-phosphate oxidase"
2 non-polymer 'PHOSPHATE ION'
3 non-polymer 'FLAVIN MONONUCLEOTIDE'
4 non-polymer "PYRIDOXAL-5'-PHOSPHATE"
5 water water
#
_entity_poly.entity_id   1
_entity_poly.type   'polypeptide(L)'
_entity_poly.pdbx_seq_one_letter_code
;(MSE)SDNDELQQIAHLRREYTKGGLRRRDLPADPLTLFERWLSQACEAKLADPTA(MSE)VVATVDEHGQPYQRIVLLK
HYDEKG(MSE)VFYTNLGSRKAHQIENNPRVSLLFPWHTLERQV(MSE)VIGKAERLSTLEV(MSE)KYFHSRPRDSQIG
AWVSKQSSRISARGILESKFLELKQKFQQGEVPLPSFWGGFRVSLEQIEFWQGGEHRLHDRFLYQRENDAWKIDRLAP
;
_entity_poly.pdbx_strand_id   A
#
loop_
_chem_comp.id
_chem_comp.type
_chem_comp.name
_chem_comp.formula
FMN non-polymer 'FLAVIN MONONUCLEOTIDE' 'C17 H21 N4 O9 P'
PLP non-polymer PYRIDOXAL-5'-PHOSPHATE 'C8 H10 N O6 P'
PO4 non-polymer 'PHOSPHATE ION' 'O4 P -3'
#
# COMPACT_ATOMS: atom_id res chain seq x y z
N ASP A 5 -8.03 26.41 30.93
CA ASP A 5 -7.20 25.85 29.82
C ASP A 5 -8.05 25.71 28.56
N GLU A 6 -7.64 26.34 27.47
CA GLU A 6 -8.41 26.21 26.24
C GLU A 6 -7.93 25.03 25.41
N LEU A 7 -8.86 24.46 24.64
CA LEU A 7 -8.54 23.33 23.79
C LEU A 7 -7.56 23.74 22.70
N GLN A 8 -6.74 22.80 22.27
CA GLN A 8 -5.79 23.07 21.19
C GLN A 8 -6.58 23.39 19.92
N GLN A 9 -6.03 24.28 19.12
CA GLN A 9 -6.67 24.69 17.87
C GLN A 9 -7.14 23.49 17.04
N ILE A 10 -6.32 22.46 16.97
CA ILE A 10 -6.68 21.28 16.18
C ILE A 10 -7.88 20.52 16.72
N ALA A 11 -8.23 20.73 17.98
CA ALA A 11 -9.39 20.05 18.55
C ALA A 11 -10.62 20.44 17.73
N HIS A 12 -10.57 21.61 17.10
CA HIS A 12 -11.70 22.11 16.32
C HIS A 12 -11.72 21.80 14.83
N LEU A 13 -10.69 21.11 14.33
CA LEU A 13 -10.65 20.76 12.93
C LEU A 13 -11.58 19.58 12.73
N ARG A 14 -12.55 19.75 11.83
CA ARG A 14 -13.52 18.71 11.53
C ARG A 14 -14.22 19.06 10.24
N ARG A 15 -14.81 18.04 9.62
CA ARG A 15 -15.46 18.23 8.33
C ARG A 15 -16.66 17.29 8.24
N GLU A 16 -17.78 17.75 7.69
CA GLU A 16 -18.95 16.87 7.50
C GLU A 16 -18.77 16.32 6.10
N TYR A 17 -19.00 15.03 5.94
CA TYR A 17 -18.81 14.36 4.65
C TYR A 17 -20.12 14.17 3.89
N THR A 18 -20.34 14.99 2.86
CA THR A 18 -21.57 14.93 2.08
C THR A 18 -21.38 14.63 0.60
N LYS A 19 -20.21 14.16 0.19
CA LYS A 19 -19.99 13.88 -1.22
C LYS A 19 -20.88 12.75 -1.71
N GLY A 20 -21.09 11.74 -0.87
CA GLY A 20 -21.91 10.60 -1.27
C GLY A 20 -22.19 9.60 -0.16
N GLY A 21 -22.70 8.42 -0.56
CA GLY A 21 -23.03 7.38 0.39
C GLY A 21 -22.83 6.03 -0.28
N LEU A 22 -22.99 4.95 0.48
CA LEU A 22 -22.80 3.62 -0.08
C LEU A 22 -23.87 2.71 0.52
N ARG A 23 -24.71 2.14 -0.35
CA ARG A 23 -25.77 1.26 0.09
C ARG A 23 -25.55 -0.14 -0.41
N ARG A 24 -26.12 -1.11 0.31
CA ARG A 24 -25.94 -2.51 -0.05
C ARG A 24 -26.30 -2.80 -1.49
N ARG A 25 -27.26 -2.06 -2.03
CA ARG A 25 -27.66 -2.27 -3.42
C ARG A 25 -26.63 -1.71 -4.41
N ASP A 26 -25.63 -0.98 -3.91
CA ASP A 26 -24.59 -0.42 -4.80
C ASP A 26 -23.40 -1.36 -4.88
N LEU A 27 -23.40 -2.36 -4.01
CA LEU A 27 -22.28 -3.31 -3.94
C LEU A 27 -22.23 -4.42 -4.99
N PRO A 28 -21.09 -4.53 -5.69
CA PRO A 28 -20.93 -5.58 -6.71
C PRO A 28 -20.59 -6.87 -5.97
N ALA A 29 -20.74 -8.01 -6.63
CA ALA A 29 -20.43 -9.31 -6.02
C ALA A 29 -18.94 -9.45 -5.72
N ASP A 30 -18.13 -8.84 -6.56
CA ASP A 30 -16.69 -8.89 -6.39
C ASP A 30 -16.16 -7.59 -5.78
N PRO A 31 -15.55 -7.64 -4.59
CA PRO A 31 -15.05 -6.36 -4.05
C PRO A 31 -14.11 -5.59 -4.99
N LEU A 32 -13.24 -6.31 -5.71
CA LEU A 32 -12.32 -5.64 -6.65
C LEU A 32 -13.04 -4.81 -7.70
N THR A 33 -14.31 -5.09 -7.96
CA THR A 33 -15.04 -4.27 -8.94
C THR A 33 -15.25 -2.88 -8.34
N LEU A 34 -15.66 -2.83 -7.06
CA LEU A 34 -15.87 -1.55 -6.41
C LEU A 34 -14.52 -0.86 -6.19
N PHE A 35 -13.49 -1.62 -5.82
CA PHE A 35 -12.17 -1.00 -5.61
C PHE A 35 -11.68 -0.36 -6.91
N GLU A 36 -11.89 -1.03 -8.03
CA GLU A 36 -11.47 -0.52 -9.33
C GLU A 36 -12.20 0.78 -9.65
N ARG A 37 -13.49 0.83 -9.34
CA ARG A 37 -14.29 2.02 -9.59
C ARG A 37 -13.77 3.19 -8.76
N TRP A 38 -13.53 2.93 -7.48
CA TRP A 38 -13.03 3.94 -6.56
C TRP A 38 -11.64 4.42 -6.95
N LEU A 39 -10.76 3.48 -7.29
CA LEU A 39 -9.42 3.82 -7.71
C LEU A 39 -9.50 4.70 -8.96
N SER A 40 -10.35 4.32 -9.90
CA SER A 40 -10.52 5.09 -11.13
C SER A 40 -10.97 6.50 -10.82
N GLN A 41 -11.89 6.63 -9.87
CA GLN A 41 -12.39 7.95 -9.50
C GLN A 41 -11.34 8.75 -8.74
N ALA A 42 -10.37 8.06 -8.16
CA ALA A 42 -9.32 8.75 -7.42
C ALA A 42 -8.32 9.31 -8.45
N CYS A 43 -8.07 8.54 -9.49
CA CYS A 43 -7.16 8.97 -10.53
C CYS A 43 -7.75 10.18 -11.28
N GLU A 44 -9.07 10.22 -11.38
CA GLU A 44 -9.74 11.30 -12.08
C GLU A 44 -9.84 12.57 -11.26
N ALA A 45 -10.03 12.43 -9.95
CA ALA A 45 -10.15 13.59 -9.08
C ALA A 45 -8.77 14.18 -9.00
N LYS A 46 -7.81 13.42 -9.51
CA LYS A 46 -6.43 13.85 -9.54
C LYS A 46 -5.82 13.90 -8.15
N LEU A 47 -5.81 12.77 -7.44
CA LEU A 47 -5.17 12.74 -6.13
C LEU A 47 -3.69 12.67 -6.48
N ALA A 48 -2.84 13.25 -5.64
CA ALA A 48 -1.42 13.26 -5.91
C ALA A 48 -0.78 11.88 -6.10
N ASP A 49 -1.20 10.92 -5.29
CA ASP A 49 -0.64 9.58 -5.38
C ASP A 49 -1.79 8.60 -5.13
N PRO A 50 -2.72 8.52 -6.09
CA PRO A 50 -3.89 7.63 -6.00
C PRO A 50 -3.60 6.18 -5.61
N THR A 51 -2.41 5.69 -5.95
CA THR A 51 -2.08 4.31 -5.62
C THR A 51 -1.30 4.18 -4.32
N ALA A 52 -1.06 5.28 -3.63
CA ALA A 52 -0.35 5.21 -2.37
C ALA A 52 -1.25 4.51 -1.37
N MSE A 53 -0.68 3.59 -0.61
CA MSE A 53 -1.46 2.88 0.42
C MSE A 53 -0.55 2.66 1.62
O MSE A 53 0.66 2.52 1.46
CB MSE A 53 -1.97 1.52 -0.09
CG MSE A 53 -0.88 0.53 -0.42
SE MSE A 53 -1.63 -1.03 -1.27
CE MSE A 53 0.02 -2.03 -1.50
N VAL A 54 -1.13 2.65 2.82
CA VAL A 54 -0.32 2.45 4.02
C VAL A 54 -0.30 0.98 4.37
N VAL A 55 0.88 0.37 4.41
CA VAL A 55 0.96 -1.03 4.77
C VAL A 55 1.43 -1.17 6.22
N ALA A 56 0.70 -1.96 7.00
CA ALA A 56 1.06 -2.18 8.39
C ALA A 56 1.58 -3.60 8.57
N THR A 57 2.70 -3.73 9.27
CA THR A 57 3.27 -5.04 9.57
C THR A 57 3.42 -5.11 11.09
N VAL A 58 3.71 -6.30 11.63
CA VAL A 58 3.88 -6.48 13.06
C VAL A 58 5.21 -7.19 13.36
N ASP A 59 6.00 -6.63 14.28
CA ASP A 59 7.28 -7.23 14.63
C ASP A 59 7.02 -8.36 15.61
N GLU A 60 8.08 -9.06 16.00
CA GLU A 60 7.98 -10.22 16.91
C GLU A 60 7.51 -9.93 18.33
N HIS A 61 7.40 -8.66 18.70
CA HIS A 61 6.92 -8.35 20.04
C HIS A 61 5.48 -7.86 20.04
N GLY A 62 4.83 -7.95 18.88
CA GLY A 62 3.45 -7.52 18.80
C GLY A 62 3.30 -6.02 18.56
N GLN A 63 4.38 -5.39 18.13
CA GLN A 63 4.40 -3.97 17.82
C GLN A 63 4.13 -3.71 16.36
N PRO A 64 3.10 -2.89 16.04
CA PRO A 64 2.83 -2.61 14.62
C PRO A 64 3.70 -1.48 14.05
N TYR A 65 3.98 -1.58 12.76
CA TYR A 65 4.78 -0.59 12.04
C TYR A 65 4.06 -0.23 10.75
N GLN A 66 4.22 1.01 10.30
CA GLN A 66 3.57 1.47 9.08
C GLN A 66 4.50 2.34 8.22
N ARG A 67 4.19 2.36 6.92
CA ARG A 67 4.94 3.15 5.96
C ARG A 67 4.11 3.09 4.70
N ILE A 68 4.18 4.13 3.89
CA ILE A 68 3.42 4.12 2.64
C ILE A 68 4.22 3.40 1.54
N VAL A 69 3.50 2.71 0.66
CA VAL A 69 4.09 2.04 -0.49
C VAL A 69 3.08 2.19 -1.62
N LEU A 70 3.54 2.00 -2.86
CA LEU A 70 2.63 2.12 -3.98
C LEU A 70 2.07 0.79 -4.47
N LEU A 71 0.77 0.81 -4.77
CA LEU A 71 0.07 -0.35 -5.32
C LEU A 71 0.50 -0.38 -6.80
N LYS A 72 1.22 -1.43 -7.23
CA LYS A 72 1.72 -1.50 -8.61
C LYS A 72 1.02 -2.54 -9.48
N HIS A 73 0.19 -3.36 -8.84
CA HIS A 73 -0.56 -4.40 -9.51
C HIS A 73 -1.63 -4.99 -8.56
N TYR A 74 -2.76 -5.40 -9.13
CA TYR A 74 -3.77 -6.07 -8.33
C TYR A 74 -4.74 -6.90 -9.19
N ASP A 75 -5.10 -8.07 -8.68
CA ASP A 75 -6.06 -8.95 -9.31
C ASP A 75 -6.58 -9.84 -8.20
N GLU A 76 -7.35 -10.87 -8.53
CA GLU A 76 -7.97 -11.73 -7.54
C GLU A 76 -7.00 -12.40 -6.59
N LYS A 77 -5.75 -12.56 -7.02
CA LYS A 77 -4.72 -13.19 -6.20
C LYS A 77 -4.09 -12.24 -5.18
N GLY A 78 -4.45 -10.96 -5.24
CA GLY A 78 -3.93 -10.01 -4.27
C GLY A 78 -3.41 -8.71 -4.80
N MSE A 79 -2.96 -7.84 -3.88
CA MSE A 79 -2.41 -6.53 -4.23
C MSE A 79 -0.89 -6.57 -4.10
O MSE A 79 -0.35 -7.10 -3.15
CB MSE A 79 -3.00 -5.46 -3.33
CG MSE A 79 -4.49 -5.36 -3.50
SE MSE A 79 -5.23 -3.93 -2.45
CE MSE A 79 -6.89 -3.74 -3.47
N VAL A 80 -0.21 -5.97 -5.08
CA VAL A 80 1.23 -5.99 -5.13
C VAL A 80 1.98 -4.68 -4.89
N PHE A 81 3.11 -4.78 -4.21
CA PHE A 81 3.98 -3.61 -3.99
C PHE A 81 5.44 -4.09 -4.03
N TYR A 82 6.35 -3.21 -4.46
CA TYR A 82 7.76 -3.58 -4.52
C TYR A 82 8.53 -2.89 -3.41
N THR A 83 9.60 -3.54 -2.95
CA THR A 83 10.39 -3.02 -1.83
C THR A 83 11.74 -3.76 -1.68
N ASN A 84 12.61 -3.23 -0.82
CA ASN A 84 13.91 -3.84 -0.56
C ASN A 84 13.68 -5.05 0.33
N LEU A 85 14.17 -6.22 -0.07
CA LEU A 85 13.94 -7.43 0.69
C LEU A 85 14.70 -7.54 2.00
N GLY A 86 15.59 -6.59 2.25
CA GLY A 86 16.33 -6.61 3.49
C GLY A 86 15.80 -5.57 4.46
N SER A 87 14.69 -4.92 4.09
CA SER A 87 14.10 -3.86 4.90
C SER A 87 13.37 -4.33 6.16
N ARG A 88 13.01 -3.38 6.98
CA ARG A 88 12.31 -3.67 8.22
C ARG A 88 10.98 -4.38 7.91
N LYS A 89 10.20 -3.84 6.98
CA LYS A 89 8.92 -4.49 6.66
C LYS A 89 9.16 -5.91 6.19
N ALA A 90 10.09 -6.12 5.25
CA ALA A 90 10.34 -7.48 4.76
C ALA A 90 10.72 -8.44 5.91
N HIS A 91 11.56 -7.98 6.82
CA HIS A 91 11.97 -8.80 7.96
C HIS A 91 10.77 -9.04 8.87
N GLN A 92 9.93 -8.04 9.03
CA GLN A 92 8.78 -8.27 9.87
C GLN A 92 7.85 -9.30 9.17
N ILE A 93 7.66 -9.14 7.88
CA ILE A 93 6.79 -10.06 7.13
C ILE A 93 7.30 -11.50 7.20
N GLU A 94 8.62 -11.66 7.21
CA GLU A 94 9.26 -12.97 7.28
C GLU A 94 8.72 -13.79 8.45
N ASN A 95 8.58 -13.13 9.60
CA ASN A 95 8.11 -13.75 10.84
C ASN A 95 6.58 -13.76 10.99
N ASN A 96 5.92 -12.71 10.51
CA ASN A 96 4.47 -12.64 10.60
C ASN A 96 3.97 -12.12 9.25
N PRO A 97 3.39 -13.00 8.44
CA PRO A 97 2.87 -12.66 7.11
C PRO A 97 1.61 -11.83 7.09
N ARG A 98 0.98 -11.67 8.26
CA ARG A 98 -0.28 -10.92 8.34
C ARG A 98 -0.08 -9.44 8.18
N VAL A 99 -0.75 -8.85 7.19
CA VAL A 99 -0.60 -7.42 7.00
C VAL A 99 -1.93 -6.72 6.78
N SER A 100 -1.90 -5.39 6.82
CA SER A 100 -3.07 -4.60 6.54
C SER A 100 -2.67 -3.48 5.59
N LEU A 101 -3.58 -3.16 4.68
CA LEU A 101 -3.35 -2.12 3.69
C LEU A 101 -4.48 -1.11 3.79
N LEU A 102 -4.16 0.18 3.73
CA LEU A 102 -5.18 1.23 3.80
C LEU A 102 -4.95 2.33 2.77
N PHE A 103 -5.92 2.51 1.89
CA PHE A 103 -5.84 3.56 0.89
C PHE A 103 -6.42 4.81 1.55
N PRO A 104 -5.57 5.83 1.76
CA PRO A 104 -6.04 7.05 2.41
C PRO A 104 -6.73 8.02 1.44
N TRP A 105 -7.95 7.69 1.07
CA TRP A 105 -8.71 8.49 0.12
C TRP A 105 -9.73 9.38 0.83
N HIS A 106 -9.34 9.93 1.98
CA HIS A 106 -10.26 10.75 2.74
C HIS A 106 -10.60 12.10 2.10
N THR A 107 -9.78 12.58 1.17
CA THR A 107 -10.12 13.82 0.49
C THR A 107 -11.38 13.49 -0.33
N LEU A 108 -11.50 12.24 -0.78
CA LEU A 108 -12.70 11.85 -1.49
C LEU A 108 -13.71 11.24 -0.49
N GLU A 109 -13.46 11.42 0.80
CA GLU A 109 -14.33 10.92 1.85
C GLU A 109 -14.53 9.40 1.77
N ARG A 110 -13.41 8.71 1.57
CA ARG A 110 -13.40 7.25 1.45
C ARG A 110 -12.17 6.57 2.03
N GLN A 111 -12.31 5.29 2.34
CA GLN A 111 -11.22 4.45 2.82
C GLN A 111 -11.45 3.06 2.27
N VAL A 112 -10.35 2.37 1.99
CA VAL A 112 -10.44 1.00 1.54
C VAL A 112 -9.35 0.36 2.38
N MSE A 113 -9.72 -0.68 3.14
CA MSE A 113 -8.76 -1.37 4.01
C MSE A 113 -8.79 -2.85 3.69
O MSE A 113 -9.86 -3.47 3.61
CB MSE A 113 -9.09 -1.12 5.49
CG MSE A 113 -7.97 -1.50 6.44
SE MSE A 113 -8.03 -3.27 7.32
CE MSE A 113 -9.43 -2.91 8.63
N VAL A 114 -7.61 -3.42 3.54
CA VAL A 114 -7.49 -4.82 3.19
C VAL A 114 -6.68 -5.60 4.20
N ILE A 115 -7.12 -6.82 4.48
CA ILE A 115 -6.42 -7.70 5.40
C ILE A 115 -6.01 -8.93 4.60
N GLY A 116 -4.78 -9.40 4.77
CA GLY A 116 -4.34 -10.57 4.04
C GLY A 116 -2.92 -10.99 4.36
N LYS A 117 -2.46 -12.03 3.69
CA LYS A 117 -1.11 -12.53 3.90
C LYS A 117 -0.17 -12.02 2.82
N ALA A 118 0.98 -11.50 3.23
CA ALA A 118 1.98 -11.00 2.31
C ALA A 118 2.99 -12.10 1.98
N GLU A 119 3.17 -12.37 0.69
CA GLU A 119 4.13 -13.37 0.22
C GLU A 119 4.97 -12.78 -0.90
N ARG A 120 6.19 -13.28 -1.05
CA ARG A 120 7.12 -12.75 -2.04
C ARG A 120 6.73 -12.95 -3.48
N LEU A 121 7.11 -11.99 -4.32
CA LEU A 121 6.85 -12.09 -5.74
C LEU A 121 7.98 -12.98 -6.27
N SER A 122 7.76 -13.57 -7.44
CA SER A 122 8.75 -14.44 -8.08
C SER A 122 9.84 -13.57 -8.70
N THR A 123 11.04 -14.09 -8.78
CA THR A 123 12.13 -13.33 -9.38
C THR A 123 11.72 -12.85 -10.75
N LEU A 124 11.05 -13.74 -11.48
CA LEU A 124 10.60 -13.46 -12.82
C LEU A 124 9.74 -12.21 -12.98
N GLU A 125 8.66 -12.11 -12.22
CA GLU A 125 7.79 -10.96 -12.35
C GLU A 125 8.49 -9.69 -11.87
N VAL A 126 9.38 -9.85 -10.90
CA VAL A 126 10.12 -8.70 -10.37
C VAL A 126 11.04 -8.14 -11.47
N MSE A 127 11.72 -9.02 -12.18
CA MSE A 127 12.60 -8.60 -13.26
C MSE A 127 11.80 -7.81 -14.28
O MSE A 127 12.22 -6.73 -14.72
CB MSE A 127 13.22 -9.82 -13.95
CG MSE A 127 14.72 -9.98 -13.72
SE MSE A 127 15.29 -11.75 -14.29
CE MSE A 127 15.41 -11.38 -16.19
N LYS A 128 10.65 -8.37 -14.67
CA LYS A 128 9.76 -7.74 -15.64
C LYS A 128 9.50 -6.30 -15.18
N TYR A 129 9.03 -6.13 -13.95
CA TYR A 129 8.77 -4.81 -13.41
C TYR A 129 10.01 -3.92 -13.23
N PHE A 130 11.08 -4.51 -12.69
CA PHE A 130 12.31 -3.75 -12.44
C PHE A 130 12.84 -3.05 -13.69
N HIS A 131 12.72 -3.72 -14.82
CA HIS A 131 13.23 -3.10 -16.04
C HIS A 131 12.31 -2.06 -16.70
N SER A 132 11.14 -1.82 -16.09
CA SER A 132 10.22 -0.77 -16.57
C SER A 132 10.42 0.49 -15.68
N ARG A 133 11.21 0.35 -14.62
CA ARG A 133 11.49 1.46 -13.70
C ARG A 133 12.54 2.44 -14.28
N PRO A 134 12.45 3.75 -13.92
CA PRO A 134 13.42 4.74 -14.42
C PRO A 134 14.82 4.27 -14.07
N ARG A 135 15.79 4.51 -14.95
CA ARG A 135 17.17 4.06 -14.72
C ARG A 135 17.77 4.55 -13.40
N ASP A 136 17.53 5.80 -13.03
CA ASP A 136 18.07 6.28 -11.77
C ASP A 136 17.45 5.52 -10.61
N SER A 137 16.23 5.02 -10.80
CA SER A 137 15.59 4.28 -9.70
C SER A 137 16.22 2.91 -9.54
N GLN A 138 16.61 2.29 -10.65
CA GLN A 138 17.23 0.97 -10.59
C GLN A 138 18.58 1.10 -9.85
N ILE A 139 19.34 2.14 -10.15
CA ILE A 139 20.62 2.35 -9.49
C ILE A 139 20.35 2.56 -7.99
N GLY A 140 19.41 3.44 -7.70
CA GLY A 140 19.05 3.75 -6.33
C GLY A 140 18.68 2.53 -5.51
N ALA A 141 18.12 1.52 -6.17
CA ALA A 141 17.73 0.28 -5.51
C ALA A 141 19.00 -0.39 -4.98
N TRP A 142 20.05 -0.30 -5.77
CA TRP A 142 21.35 -0.87 -5.39
C TRP A 142 22.03 -0.10 -4.26
N VAL A 143 21.85 1.22 -4.29
CA VAL A 143 22.47 2.11 -3.32
C VAL A 143 22.00 1.98 -1.90
N SER A 144 20.69 1.90 -1.72
CA SER A 144 20.09 1.91 -0.40
C SER A 144 19.83 0.62 0.35
N LYS A 145 20.50 0.48 1.49
CA LYS A 145 20.31 -0.69 2.33
C LYS A 145 19.11 -0.31 3.22
N GLN A 146 17.96 -0.15 2.57
CA GLN A 146 16.69 0.24 3.18
C GLN A 146 16.49 -0.17 4.63
N SER A 147 16.13 0.81 5.47
CA SER A 147 15.87 0.62 6.90
C SER A 147 17.11 0.58 7.80
N SER A 148 18.28 0.24 7.26
CA SER A 148 19.47 0.20 8.10
C SER A 148 19.95 1.63 8.39
N ARG A 149 20.49 1.86 9.58
CA ARG A 149 20.95 3.19 9.92
C ARG A 149 22.25 3.50 9.21
N ILE A 150 22.36 4.72 8.70
CA ILE A 150 23.56 5.13 7.99
C ILE A 150 24.09 6.40 8.65
N SER A 151 25.39 6.66 8.50
CA SER A 151 26.00 7.82 9.13
C SER A 151 25.56 9.17 8.58
N ALA A 152 25.30 9.27 7.29
CA ALA A 152 24.87 10.55 6.73
C ALA A 152 24.39 10.38 5.30
N ARG A 153 23.76 11.41 4.77
CA ARG A 153 23.24 11.33 3.41
C ARG A 153 24.35 11.18 2.38
N GLY A 154 25.51 11.76 2.68
CA GLY A 154 26.64 11.69 1.78
C GLY A 154 26.97 10.26 1.37
N ILE A 155 26.71 9.30 2.26
CA ILE A 155 26.98 7.89 1.98
C ILE A 155 26.16 7.40 0.78
N LEU A 156 24.93 7.87 0.68
CA LEU A 156 24.05 7.45 -0.41
C LEU A 156 24.46 8.11 -1.70
N GLU A 157 24.69 9.42 -1.64
CA GLU A 157 25.06 10.19 -2.81
C GLU A 157 26.36 9.68 -3.41
N SER A 158 27.31 9.38 -2.54
CA SER A 158 28.60 8.87 -2.98
C SER A 158 28.36 7.55 -3.70
N LYS A 159 27.65 6.64 -3.03
CA LYS A 159 27.41 5.34 -3.62
C LYS A 159 26.67 5.45 -4.95
N PHE A 160 25.70 6.34 -5.04
CA PHE A 160 24.94 6.50 -6.27
C PHE A 160 25.86 6.83 -7.43
N LEU A 161 26.72 7.82 -7.26
CA LEU A 161 27.66 8.23 -8.31
C LEU A 161 28.58 7.07 -8.67
N GLU A 162 29.02 6.34 -7.65
CA GLU A 162 29.91 5.21 -7.87
C GLU A 162 29.22 4.16 -8.76
N LEU A 163 28.03 3.74 -8.36
CA LEU A 163 27.28 2.74 -9.13
C LEU A 163 26.88 3.26 -10.50
N LYS A 164 26.50 4.54 -10.59
CA LYS A 164 26.13 5.05 -11.90
C LYS A 164 27.32 4.92 -12.84
N GLN A 165 28.52 5.26 -12.36
CA GLN A 165 29.70 5.14 -13.21
C GLN A 165 29.94 3.69 -13.60
N LYS A 166 29.84 2.79 -12.62
CA LYS A 166 30.05 1.37 -12.83
C LYS A 166 29.11 0.76 -13.87
N PHE A 167 27.85 1.20 -13.85
CA PHE A 167 26.84 0.66 -14.74
C PHE A 167 26.85 1.25 -16.15
N GLN A 168 27.63 2.32 -16.32
CA GLN A 168 27.80 3.03 -17.59
C GLN A 168 27.07 2.42 -18.79
N GLN A 169 25.95 3.03 -19.16
CA GLN A 169 25.12 2.59 -20.30
C GLN A 169 24.58 1.15 -20.36
N GLY A 170 25.23 0.22 -19.67
CA GLY A 170 24.74 -1.15 -19.67
C GLY A 170 23.49 -1.30 -18.80
N GLU A 171 22.83 -2.45 -18.89
CA GLU A 171 21.63 -2.66 -18.10
C GLU A 171 21.95 -2.81 -16.61
N VAL A 172 21.16 -2.14 -15.78
CA VAL A 172 21.34 -2.22 -14.34
C VAL A 172 20.72 -3.54 -13.88
N PRO A 173 21.54 -4.46 -13.37
CA PRO A 173 20.98 -5.74 -12.93
C PRO A 173 20.02 -5.64 -11.73
N LEU A 174 19.12 -6.60 -11.63
CA LEU A 174 18.16 -6.64 -10.52
C LEU A 174 18.89 -7.09 -9.26
N PRO A 175 18.90 -6.26 -8.22
CA PRO A 175 19.60 -6.68 -7.00
C PRO A 175 18.87 -7.88 -6.40
N SER A 176 19.60 -8.85 -5.88
CA SER A 176 18.96 -10.02 -5.27
C SER A 176 18.14 -9.62 -4.04
N PHE A 177 18.46 -8.45 -3.45
CA PHE A 177 17.76 -7.98 -2.28
C PHE A 177 16.64 -6.96 -2.57
N TRP A 178 16.19 -6.92 -3.82
CA TRP A 178 15.09 -6.04 -4.21
C TRP A 178 14.01 -6.91 -4.83
N GLY A 179 12.79 -6.79 -4.35
CA GLY A 179 11.72 -7.60 -4.90
C GLY A 179 10.38 -7.01 -4.53
N GLY A 180 9.43 -7.86 -4.16
CA GLY A 180 8.13 -7.35 -3.78
C GLY A 180 7.28 -8.39 -3.12
N PHE A 181 6.08 -7.98 -2.73
CA PHE A 181 5.14 -8.85 -2.05
C PHE A 181 3.78 -8.81 -2.69
N ARG A 182 3.04 -9.91 -2.57
CA ARG A 182 1.68 -10.02 -3.05
C ARG A 182 0.85 -10.23 -1.79
N VAL A 183 -0.13 -9.37 -1.56
CA VAL A 183 -0.97 -9.46 -0.37
C VAL A 183 -2.33 -10.08 -0.72
N SER A 184 -2.64 -11.24 -0.14
CA SER A 184 -3.90 -11.88 -0.46
C SER A 184 -5.12 -11.07 0.05
N LEU A 185 -6.28 -11.33 -0.52
CA LEU A 185 -7.47 -10.60 -0.11
C LEU A 185 -8.37 -11.43 0.82
N GLU A 186 -8.18 -11.30 2.12
CA GLU A 186 -8.98 -12.05 3.07
C GLU A 186 -10.20 -11.22 3.45
N GLN A 187 -10.00 -9.92 3.61
CA GLN A 187 -11.09 -9.03 3.94
C GLN A 187 -10.84 -7.70 3.25
N ILE A 188 -11.92 -7.00 2.98
CA ILE A 188 -11.78 -5.70 2.35
C ILE A 188 -12.91 -4.84 2.87
N GLU A 189 -12.55 -3.75 3.55
CA GLU A 189 -13.58 -2.87 4.04
C GLU A 189 -13.63 -1.60 3.20
N PHE A 190 -14.83 -1.13 2.93
CA PHE A 190 -15.05 0.10 2.19
C PHE A 190 -15.72 1.07 3.15
N TRP A 191 -15.24 2.31 3.16
CA TRP A 191 -15.78 3.33 4.03
C TRP A 191 -16.12 4.55 3.17
N GLN A 192 -17.32 5.11 3.36
CA GLN A 192 -17.74 6.30 2.63
C GLN A 192 -18.31 7.24 3.69
N GLY A 193 -17.65 8.37 3.93
CA GLY A 193 -18.13 9.30 4.95
C GLY A 193 -19.59 9.76 4.81
N GLY A 194 -20.20 10.04 5.95
CA GLY A 194 -21.58 10.49 5.97
C GLY A 194 -21.70 11.67 6.91
N GLU A 195 -22.93 12.10 7.17
CA GLU A 195 -23.18 13.21 8.07
C GLU A 195 -23.39 12.74 9.49
N HIS A 196 -23.20 13.64 10.45
CA HIS A 196 -23.40 13.34 11.86
C HIS A 196 -22.55 12.16 12.30
N ARG A 197 -21.40 11.98 11.66
CA ARG A 197 -20.51 10.87 11.95
C ARG A 197 -21.17 9.51 11.71
N LEU A 198 -22.23 9.48 10.90
CA LEU A 198 -22.90 8.22 10.60
C LEU A 198 -22.50 7.78 9.20
N HIS A 199 -21.28 7.29 9.07
CA HIS A 199 -20.71 6.86 7.79
C HIS A 199 -21.22 5.50 7.35
N ASP A 200 -20.99 5.18 6.08
CA ASP A 200 -21.36 3.87 5.56
C ASP A 200 -20.13 2.98 5.61
N ARG A 201 -20.33 1.74 6.07
CA ARG A 201 -19.26 0.77 6.16
C ARG A 201 -19.71 -0.60 5.72
N PHE A 202 -18.95 -1.21 4.80
CA PHE A 202 -19.25 -2.55 4.36
C PHE A 202 -17.96 -3.38 4.37
N LEU A 203 -18.01 -4.53 5.04
CA LEU A 203 -16.85 -5.40 5.14
C LEU A 203 -17.02 -6.71 4.36
N TYR A 204 -16.18 -6.93 3.35
CA TYR A 204 -16.23 -8.17 2.58
C TYR A 204 -15.30 -9.16 3.30
N GLN A 205 -15.78 -10.34 3.63
CA GLN A 205 -14.96 -11.30 4.34
C GLN A 205 -14.97 -12.61 3.60
N ARG A 206 -13.78 -13.09 3.27
CA ARG A 206 -13.63 -14.35 2.55
C ARG A 206 -14.16 -15.50 3.40
N GLU A 207 -15.13 -16.23 2.87
CA GLU A 207 -15.70 -17.35 3.60
C GLU A 207 -15.72 -18.47 2.58
N ASN A 208 -14.65 -19.28 2.60
CA ASN A 208 -14.46 -20.37 1.65
C ASN A 208 -14.26 -19.73 0.27
N ASP A 209 -15.18 -19.93 -0.66
CA ASP A 209 -15.02 -19.33 -1.98
C ASP A 209 -15.79 -18.02 -2.14
N ALA A 210 -16.81 -17.82 -1.31
CA ALA A 210 -17.62 -16.63 -1.43
C ALA A 210 -17.24 -15.50 -0.51
N TRP A 211 -17.98 -14.40 -0.62
CA TRP A 211 -17.73 -13.26 0.22
C TRP A 211 -18.91 -12.98 1.14
N LYS A 212 -18.65 -13.01 2.44
CA LYS A 212 -19.69 -12.68 3.40
C LYS A 212 -19.59 -11.14 3.46
N ILE A 213 -20.73 -10.45 3.39
CA ILE A 213 -20.72 -8.99 3.41
C ILE A 213 -21.61 -8.39 4.50
N ASP A 214 -21.03 -7.55 5.36
CA ASP A 214 -21.81 -6.93 6.42
C ASP A 214 -21.60 -5.44 6.49
N ARG A 215 -22.62 -4.73 6.96
CA ARG A 215 -22.54 -3.30 7.17
C ARG A 215 -22.01 -3.23 8.60
N LEU A 216 -21.07 -2.34 8.85
CA LEU A 216 -20.52 -2.16 10.18
C LEU A 216 -20.91 -0.77 10.67
N ALA A 217 -21.27 -0.67 11.94
CA ALA A 217 -21.64 0.62 12.52
C ALA A 217 -20.41 1.54 12.41
N PRO A 218 -20.63 2.84 12.13
CA PRO A 218 -19.55 3.82 11.99
C PRO A 218 -18.85 4.30 13.27
P PO4 B . -28.30 -0.81 3.43
O1 PO4 B . -29.06 0.13 4.29
O2 PO4 B . -29.25 -1.66 2.66
O3 PO4 B . -27.43 -1.67 4.27
O4 PO4 B . -27.47 -0.02 2.48
N1 FMN C . -13.31 7.19 13.94
C2 FMN C . -13.19 7.47 15.26
O2 FMN C . -13.59 6.77 16.13
N3 FMN C . -12.47 8.68 15.67
C4 FMN C . -11.94 9.59 14.76
O4 FMN C . -11.33 10.58 15.18
C4A FMN C . -12.12 9.33 13.35
N5 FMN C . -11.71 10.18 12.37
C5A FMN C . -11.81 9.95 11.00
C6 FMN C . -11.32 10.93 10.05
C7 FMN C . -11.32 10.63 8.64
C7M FMN C . -10.79 11.67 7.61
C8 FMN C . -11.81 9.30 8.17
C8M FMN C . -11.74 8.83 6.77
C9 FMN C . -12.34 8.39 9.12
C9A FMN C . -12.39 8.67 10.53
N10 FMN C . -12.90 7.81 11.59
C10 FMN C . -12.82 8.05 12.96
C1' FMN C . -13.57 6.51 11.19
C2' FMN C . -12.50 5.34 11.38
O2' FMN C . -11.74 5.39 10.21
C3' FMN C . -13.05 3.95 11.59
O3' FMN C . -13.89 3.59 10.49
C4' FMN C . -13.85 3.80 12.90
O4' FMN C . -13.20 4.40 13.99
C5' FMN C . -14.10 2.34 13.30
O5' FMN C . -12.71 1.56 13.34
P FMN C . -12.60 0.24 14.13
O1P FMN C . -11.24 -0.31 13.74
O2P FMN C . -12.70 0.31 15.58
O3P FMN C . -13.77 -0.63 13.66
N1 PLP D . -15.74 10.06 15.30
C2 PLP D . -15.88 9.57 13.98
C2A PLP D . -16.61 8.26 13.76
C3 PLP D . -15.36 10.28 12.89
O3 PLP D . -15.51 9.80 11.61
C4 PLP D . -14.67 11.52 13.11
C4A PLP D . -14.08 12.35 11.93
O4A PLP D . -14.22 11.94 10.76
C5 PLP D . -14.53 12.01 14.42
C6 PLP D . -15.07 11.28 15.53
C5A PLP D . -13.82 13.34 14.60
O4P PLP D . -13.87 13.75 15.92
P PLP D . -15.03 14.86 16.02
O1P PLP D . -14.60 16.07 15.08
O2P PLP D . -15.24 15.32 17.53
O3P PLP D . -16.40 14.27 15.44
#